data_9F4H
#
_entry.id   9F4H
#
_cell.length_a   38.062
_cell.length_b   43.938
_cell.length_c   55.928
_cell.angle_alpha   90.000
_cell.angle_beta   94.380
_cell.angle_gamma   90.000
#
_symmetry.space_group_name_H-M   'P 1 21 1'
#
loop_
_entity.id
_entity.type
_entity.pdbx_description
1 polymer 'Heterogeneous nuclear ribonucleoprotein A1, N-terminally processed'
2 non-polymer [4-(propan-2-yl)piperazin-1-yl](thiophen-2-yl)methanone
3 water water
#
_entity_poly.entity_id   1
_entity_poly.type   'polypeptide(L)'
_entity_poly.pdbx_seq_one_letter_code
;GPMGSKSESPKEPEQLRKLFIGGLSFETTDESLRSHFEQWGTLTDCVVMRDPNTKRSRGFGFVTYATVEEVDAAMNARPH
KVDGRVVEPKRAVSREDSQRPGAHLTVKKIFVGGIKEDTEEHHLRDYFEQYGKIEVIEIMTDRGSGKKRGFAFVTFDDHD
SVDKIVIQKYHTVNGHNCEVRKALSKQEMASASSSQRG
;
_entity_poly.pdbx_strand_id   A
#
# COMPACT_ATOMS: atom_id res chain seq x y z
N PRO A 10 -0.55 7.95 21.90
CA PRO A 10 0.47 7.12 21.26
C PRO A 10 0.40 7.23 19.74
N LYS A 11 1.41 7.83 19.12
CA LYS A 11 1.41 8.01 17.67
C LYS A 11 1.91 6.76 16.97
N GLU A 12 1.34 6.49 15.80
CA GLU A 12 1.85 5.43 14.96
C GLU A 12 3.25 5.80 14.49
N PRO A 13 4.13 4.81 14.29
CA PRO A 13 5.47 5.11 13.78
C PRO A 13 5.42 5.96 12.52
N GLU A 14 6.31 6.96 12.47
CA GLU A 14 6.30 7.93 11.38
C GLU A 14 6.41 7.25 10.02
N GLN A 15 7.21 6.18 9.93
CA GLN A 15 7.40 5.50 8.65
C GLN A 15 6.07 5.06 8.05
N LEU A 16 5.11 4.70 8.90
CA LEU A 16 3.82 4.21 8.46
C LEU A 16 2.85 5.34 8.11
N ARG A 17 3.27 6.58 8.30
CA ARG A 17 2.44 7.76 8.05
C ARG A 17 2.91 8.54 6.82
N LYS A 18 3.91 8.01 6.14
CA LYS A 18 4.50 8.74 5.02
C LYS A 18 3.99 8.24 3.69
N LEU A 19 3.87 9.18 2.76
CA LEU A 19 3.58 8.76 1.37
C LEU A 19 4.63 9.30 0.43
N PHE A 20 5.29 8.41 -0.32
N PHE A 20 5.28 8.41 -0.34
CA PHE A 20 6.26 8.87 -1.35
CA PHE A 20 6.26 8.87 -1.35
C PHE A 20 5.41 9.25 -2.55
C PHE A 20 5.44 9.23 -2.57
N ILE A 21 5.62 10.45 -3.07
CA ILE A 21 4.82 10.92 -4.23
C ILE A 21 5.73 11.04 -5.45
N GLY A 22 5.56 10.12 -6.37
CA GLY A 22 6.36 10.16 -7.61
C GLY A 22 5.60 10.79 -8.76
N GLY A 23 6.33 11.11 -9.80
CA GLY A 23 5.71 11.66 -11.01
C GLY A 23 5.29 13.11 -10.86
N LEU A 24 5.93 13.84 -9.96
CA LEU A 24 5.51 15.22 -9.77
C LEU A 24 5.79 16.06 -11.00
N SER A 25 4.95 17.05 -11.22
CA SER A 25 5.35 18.13 -12.10
C SER A 25 6.56 18.83 -11.49
N PHE A 26 7.49 19.24 -12.34
CA PHE A 26 8.71 19.96 -11.84
C PHE A 26 8.33 21.34 -11.27
N GLU A 27 7.10 21.79 -11.52
CA GLU A 27 6.63 23.09 -10.98
C GLU A 27 6.03 22.93 -9.56
N THR A 28 5.79 21.69 -9.13
CA THR A 28 5.27 21.47 -7.77
C THR A 28 6.26 21.91 -6.71
N THR A 29 5.80 22.61 -5.69
CA THR A 29 6.63 23.08 -4.58
C THR A 29 6.18 22.47 -3.29
N ASP A 30 6.98 22.64 -2.25
CA ASP A 30 6.56 22.19 -0.93
C ASP A 30 5.17 22.74 -0.64
N GLU A 31 4.95 24.00 -0.99
CA GLU A 31 3.69 24.64 -0.64
C GLU A 31 2.53 24.08 -1.47
N SER A 32 2.74 23.86 -2.77
CA SER A 32 1.61 23.37 -3.56
C SER A 32 1.34 21.90 -3.29
N LEU A 33 2.38 21.12 -2.98
CA LEU A 33 2.17 19.73 -2.60
C LEU A 33 1.39 19.64 -1.29
N ARG A 34 1.73 20.50 -0.33
CA ARG A 34 1.04 20.53 0.95
C ARG A 34 -0.41 20.96 0.76
N SER A 35 -0.63 22.06 0.02
CA SER A 35 -2.01 22.52 -0.19
C SER A 35 -2.87 21.43 -0.79
N HIS A 36 -2.30 20.62 -1.69
CA HIS A 36 -3.05 19.52 -2.26
C HIS A 36 -3.36 18.44 -1.21
N PHE A 37 -2.31 17.90 -0.58
CA PHE A 37 -2.51 16.72 0.26
C PHE A 37 -3.13 17.03 1.62
N GLU A 38 -3.13 18.31 2.04
CA GLU A 38 -3.85 18.65 3.27
C GLU A 38 -5.34 18.44 3.16
N GLN A 39 -5.87 18.20 1.96
CA GLN A 39 -7.30 17.90 1.87
C GLN A 39 -7.67 16.61 2.59
N TRP A 40 -6.72 15.70 2.78
CA TRP A 40 -7.02 14.40 3.38
C TRP A 40 -6.46 14.23 4.78
N GLY A 41 -5.87 15.25 5.36
CA GLY A 41 -5.41 15.13 6.74
C GLY A 41 -4.38 16.16 7.09
N THR A 42 -4.00 16.14 8.36
CA THR A 42 -2.96 17.02 8.88
C THR A 42 -1.60 16.52 8.42
N LEU A 43 -0.83 17.39 7.77
CA LEU A 43 0.52 17.05 7.30
C LEU A 43 1.54 17.57 8.29
N THR A 44 2.31 16.66 8.88
CA THR A 44 3.43 17.02 9.74
C THR A 44 4.71 17.31 8.96
N ASP A 45 4.77 16.92 7.69
CA ASP A 45 5.94 17.16 6.85
C ASP A 45 5.50 17.07 5.40
N CYS A 46 6.18 17.82 4.54
CA CYS A 46 5.84 17.85 3.12
C CYS A 46 7.02 18.44 2.39
N VAL A 47 7.67 17.65 1.53
CA VAL A 47 8.95 18.02 0.93
C VAL A 47 8.96 17.60 -0.54
N VAL A 48 9.34 18.53 -1.41
CA VAL A 48 9.70 18.20 -2.79
C VAL A 48 11.22 18.01 -2.84
N MET A 49 11.66 16.86 -3.36
CA MET A 49 13.08 16.64 -3.52
C MET A 49 13.64 17.44 -4.68
N ARG A 50 14.76 18.14 -4.44
CA ARG A 50 15.37 19.01 -5.43
C ARG A 50 16.86 18.72 -5.55
N ASP A 51 17.40 19.07 -6.69
CA ASP A 51 18.84 18.99 -6.87
C ASP A 51 19.55 19.96 -5.92
N PRO A 52 20.65 19.54 -5.28
CA PRO A 52 21.32 20.43 -4.31
C PRO A 52 21.99 21.64 -4.94
N ASN A 53 22.33 21.60 -6.22
CA ASN A 53 23.00 22.72 -6.87
C ASN A 53 22.05 23.58 -7.69
N THR A 54 21.20 22.97 -8.52
CA THR A 54 20.36 23.75 -9.40
C THR A 54 19.03 24.14 -8.77
N LYS A 55 18.63 23.46 -7.69
CA LYS A 55 17.31 23.57 -7.07
C LYS A 55 16.19 23.09 -7.98
N ARG A 56 16.51 22.51 -9.14
CA ARG A 56 15.47 21.95 -9.99
C ARG A 56 14.89 20.71 -9.35
N SER A 57 13.57 20.60 -9.40
CA SER A 57 12.87 19.44 -8.84
C SER A 57 13.40 18.13 -9.41
N ARG A 58 13.53 17.14 -8.52
CA ARG A 58 13.81 15.76 -8.92
C ARG A 58 12.54 15.01 -9.33
N GLY A 59 11.38 15.64 -9.27
CA GLY A 59 10.17 15.00 -9.75
C GLY A 59 9.51 14.07 -8.77
N PHE A 60 9.93 14.12 -7.52
CA PHE A 60 9.26 13.30 -6.48
C PHE A 60 9.41 14.01 -5.18
N GLY A 61 8.64 13.52 -4.22
CA GLY A 61 8.67 14.13 -2.90
C GLY A 61 7.94 13.24 -1.93
N PHE A 62 7.69 13.76 -0.75
N PHE A 62 7.69 13.76 -0.73
CA PHE A 62 6.99 12.94 0.28
CA PHE A 62 7.02 12.94 0.29
C PHE A 62 6.15 13.80 1.18
C PHE A 62 6.16 13.80 1.18
N VAL A 63 5.11 13.19 1.76
CA VAL A 63 4.25 13.93 2.71
C VAL A 63 4.14 12.98 3.91
N THR A 64 4.01 13.55 5.09
CA THR A 64 3.81 12.75 6.32
C THR A 64 2.53 13.23 6.97
N TYR A 65 1.58 12.31 7.16
CA TYR A 65 0.34 12.64 7.84
C TYR A 65 0.47 12.39 9.34
N ALA A 66 -0.48 12.95 10.09
CA ALA A 66 -0.49 12.77 11.54
C ALA A 66 -0.91 11.37 11.94
N THR A 67 -1.71 10.67 11.10
CA THR A 67 -2.23 9.35 11.43
C THR A 67 -2.27 8.46 10.19
N VAL A 68 -2.27 7.15 10.44
CA VAL A 68 -2.39 6.16 9.37
C VAL A 68 -3.75 6.26 8.67
N GLU A 69 -4.82 6.54 9.41
CA GLU A 69 -6.13 6.71 8.78
C GLU A 69 -6.10 7.82 7.74
N GLU A 70 -5.31 8.88 7.97
CA GLU A 70 -5.19 9.93 6.97
C GLU A 70 -4.44 9.45 5.73
N VAL A 71 -3.42 8.60 5.90
CA VAL A 71 -2.77 7.99 4.75
C VAL A 71 -3.80 7.22 3.93
N ASP A 72 -4.62 6.41 4.60
CA ASP A 72 -5.66 5.65 3.92
C ASP A 72 -6.58 6.59 3.14
N ALA A 73 -6.97 7.71 3.76
CA ALA A 73 -7.86 8.64 3.09
C ALA A 73 -7.23 9.19 1.83
N ALA A 74 -5.95 9.58 1.90
CA ALA A 74 -5.26 10.07 0.72
C ALA A 74 -5.19 8.98 -0.37
N MET A 75 -4.83 7.76 0.01
CA MET A 75 -4.75 6.70 -0.98
C MET A 75 -6.10 6.40 -1.59
N ASN A 76 -7.17 6.48 -0.78
CA ASN A 76 -8.50 6.22 -1.32
C ASN A 76 -8.99 7.34 -2.23
N ALA A 77 -8.35 8.50 -2.21
CA ALA A 77 -8.71 9.61 -3.08
C ALA A 77 -7.90 9.66 -4.38
N ARG A 78 -7.06 8.66 -4.63
CA ARG A 78 -6.42 8.57 -5.94
C ARG A 78 -7.49 8.38 -7.02
N PRO A 79 -7.21 8.78 -8.26
CA PRO A 79 -5.95 9.38 -8.72
C PRO A 79 -5.83 10.82 -8.28
N HIS A 80 -4.61 11.23 -7.93
CA HIS A 80 -4.32 12.59 -7.53
C HIS A 80 -3.69 13.34 -8.70
N LYS A 81 -4.32 14.43 -9.11
CA LYS A 81 -3.77 15.32 -10.12
C LYS A 81 -3.25 16.54 -9.37
N VAL A 82 -1.94 16.69 -9.32
CA VAL A 82 -1.27 17.71 -8.53
C VAL A 82 -0.61 18.66 -9.51
N ASP A 83 -1.03 19.93 -9.50
CA ASP A 83 -0.47 20.92 -10.41
C ASP A 83 -0.52 20.45 -11.86
N GLY A 84 -1.62 19.78 -12.22
CA GLY A 84 -1.89 19.41 -13.59
C GLY A 84 -1.37 18.06 -14.01
N ARG A 85 -0.73 17.31 -13.13
CA ARG A 85 -0.11 16.04 -13.51
C ARG A 85 -0.57 14.97 -12.54
N VAL A 86 -0.94 13.80 -13.06
CA VAL A 86 -1.32 12.69 -12.20
C VAL A 86 -0.07 12.11 -11.58
N VAL A 87 -0.05 12.03 -10.26
CA VAL A 87 1.12 11.61 -9.51
C VAL A 87 0.94 10.16 -9.04
N GLU A 88 1.98 9.60 -8.44
CA GLU A 88 1.99 8.20 -8.03
C GLU A 88 2.36 8.09 -6.55
N PRO A 89 1.38 8.11 -5.66
CA PRO A 89 1.66 7.96 -4.23
C PRO A 89 1.82 6.50 -3.86
N LYS A 90 2.79 6.23 -2.98
CA LYS A 90 3.02 4.90 -2.45
C LYS A 90 3.44 5.01 -1.00
N ARG A 91 3.00 4.08 -0.17
CA ARG A 91 3.48 4.08 1.20
C ARG A 91 4.97 3.76 1.24
N ALA A 92 5.62 4.19 2.33
CA ALA A 92 7.05 3.99 2.50
C ALA A 92 7.39 2.50 2.55
N VAL A 93 8.65 2.19 2.23
CA VAL A 93 9.07 0.79 2.17
C VAL A 93 9.11 0.18 3.56
N SER A 94 8.88 -1.13 3.61
CA SER A 94 8.95 -1.90 4.85
C SER A 94 9.98 -3.01 4.71
N GLY A 102 15.66 0.07 0.10
CA GLY A 102 14.86 1.28 0.09
C GLY A 102 14.08 1.50 -1.20
N ALA A 103 13.96 0.43 -1.99
CA ALA A 103 13.14 0.44 -3.20
C ALA A 103 11.81 -0.22 -2.93
N HIS A 104 10.73 0.35 -3.46
CA HIS A 104 9.41 -0.23 -3.28
C HIS A 104 9.22 -1.41 -4.24
N LEU A 105 8.72 -2.51 -3.72
CA LEU A 105 8.36 -3.66 -4.53
C LEU A 105 6.86 -3.57 -4.79
N THR A 106 6.48 -3.03 -5.94
CA THR A 106 5.10 -2.64 -6.19
C THR A 106 4.36 -3.80 -6.85
N VAL A 107 3.59 -4.54 -6.06
CA VAL A 107 2.90 -5.72 -6.57
C VAL A 107 1.46 -5.72 -6.08
N LYS A 108 0.62 -6.50 -6.76
CA LYS A 108 -0.80 -6.58 -6.49
C LYS A 108 -1.20 -7.93 -5.92
N LYS A 109 -0.25 -8.80 -5.63
CA LYS A 109 -0.54 -10.18 -5.27
C LYS A 109 0.18 -10.53 -3.98
N ILE A 110 -0.52 -11.27 -3.11
CA ILE A 110 0.07 -11.77 -1.86
C ILE A 110 0.03 -13.28 -1.83
N PHE A 111 1.04 -13.83 -1.15
CA PHE A 111 1.06 -15.21 -0.68
C PHE A 111 0.48 -15.23 0.72
N VAL A 112 -0.40 -16.19 0.99
CA VAL A 112 -1.02 -16.38 2.29
C VAL A 112 -0.74 -17.81 2.72
N GLY A 113 0.07 -17.98 3.75
CA GLY A 113 0.44 -19.30 4.20
C GLY A 113 -0.09 -19.62 5.58
N GLY A 114 -0.14 -20.90 5.91
CA GLY A 114 -0.61 -21.32 7.22
C GLY A 114 -2.10 -21.49 7.32
N ILE A 115 -2.81 -21.62 6.19
CA ILE A 115 -4.27 -21.70 6.21
C ILE A 115 -4.76 -23.13 6.32
N LYS A 116 -3.88 -24.13 6.28
CA LYS A 116 -4.23 -25.53 6.49
C LYS A 116 -5.20 -26.02 5.41
N GLU A 117 -5.95 -27.10 5.69
CA GLU A 117 -6.84 -27.66 4.68
C GLU A 117 -8.29 -27.22 4.82
N ASP A 118 -8.66 -26.59 5.94
CA ASP A 118 -10.05 -26.23 6.19
C ASP A 118 -10.42 -24.81 5.75
N THR A 119 -9.46 -24.03 5.28
CA THR A 119 -9.76 -22.65 4.87
C THR A 119 -10.28 -22.63 3.43
N GLU A 120 -11.40 -21.94 3.24
CA GLU A 120 -12.09 -21.87 1.96
C GLU A 120 -12.00 -20.45 1.38
N GLU A 121 -12.50 -20.32 0.15
CA GLU A 121 -12.35 -19.06 -0.55
C GLU A 121 -13.11 -17.94 0.16
N HIS A 122 -14.27 -18.24 0.74
CA HIS A 122 -15.05 -17.19 1.38
C HIS A 122 -14.37 -16.67 2.65
N HIS A 123 -13.62 -17.53 3.35
CA HIS A 123 -12.81 -17.06 4.48
C HIS A 123 -11.80 -16.02 4.02
N LEU A 124 -11.08 -16.30 2.94
CA LEU A 124 -10.07 -15.38 2.45
C LEU A 124 -10.71 -14.13 1.89
N ARG A 125 -11.82 -14.27 1.17
CA ARG A 125 -12.49 -13.11 0.59
C ARG A 125 -13.05 -12.18 1.67
N ASP A 126 -13.76 -12.74 2.66
CA ASP A 126 -14.41 -11.88 3.65
C ASP A 126 -13.39 -11.07 4.43
N TYR A 127 -12.20 -11.64 4.64
CA TYR A 127 -11.14 -10.92 5.35
C TYR A 127 -10.44 -9.92 4.43
N PHE A 128 -9.93 -10.40 3.29
CA PHE A 128 -9.06 -9.55 2.50
C PHE A 128 -9.81 -8.49 1.71
N GLU A 129 -11.11 -8.65 1.50
CA GLU A 129 -11.85 -7.64 0.73
C GLU A 129 -11.89 -6.30 1.44
N GLN A 130 -11.63 -6.27 2.74
CA GLN A 130 -11.58 -5.00 3.47
C GLN A 130 -10.26 -4.27 3.29
N TYR A 131 -9.26 -4.89 2.65
CA TYR A 131 -8.02 -4.21 2.29
C TYR A 131 -8.05 -3.66 0.87
N GLY A 132 -8.86 -4.24 0.00
CA GLY A 132 -8.88 -3.78 -1.38
C GLY A 132 -9.78 -4.67 -2.20
N LYS A 133 -9.93 -4.29 -3.46
CA LYS A 133 -10.82 -5.01 -4.34
C LYS A 133 -10.10 -6.25 -4.88
N ILE A 134 -10.67 -7.43 -4.63
CA ILE A 134 -10.04 -8.70 -4.99
C ILE A 134 -10.41 -9.06 -6.42
N GLU A 135 -9.40 -9.44 -7.20
CA GLU A 135 -9.66 -9.98 -8.54
C GLU A 135 -9.52 -11.49 -8.62
N VAL A 136 -8.57 -12.09 -7.90
CA VAL A 136 -8.34 -13.54 -7.99
C VAL A 136 -8.04 -14.08 -6.59
N ILE A 137 -8.64 -15.21 -6.25
CA ILE A 137 -8.26 -16.00 -5.09
C ILE A 137 -7.90 -17.40 -5.58
N GLU A 138 -6.67 -17.82 -5.30
CA GLU A 138 -6.18 -19.12 -5.76
C GLU A 138 -5.77 -19.93 -4.54
N ILE A 139 -6.60 -20.88 -4.15
CA ILE A 139 -6.28 -21.80 -3.06
C ILE A 139 -5.50 -22.96 -3.66
N MET A 140 -4.23 -23.11 -3.24
CA MET A 140 -3.35 -24.13 -3.80
C MET A 140 -3.70 -25.55 -3.38
N THR A 141 -3.71 -26.44 -4.36
CA THR A 141 -3.98 -27.85 -4.16
C THR A 141 -2.84 -28.66 -4.77
N ASP A 142 -2.72 -29.89 -4.28
CA ASP A 142 -1.64 -30.77 -4.71
C ASP A 142 -1.92 -31.26 -6.13
N ARG A 143 -0.89 -31.15 -6.98
CA ARG A 143 -0.99 -31.51 -8.39
C ARG A 143 -1.39 -32.96 -8.57
N GLY A 144 -1.01 -33.81 -7.64
CA GLY A 144 -1.28 -35.24 -7.75
C GLY A 144 -2.56 -35.69 -7.11
N SER A 145 -2.85 -35.21 -5.90
CA SER A 145 -3.98 -35.71 -5.11
C SER A 145 -5.16 -34.75 -5.06
N GLY A 146 -4.96 -33.48 -5.38
CA GLY A 146 -6.00 -32.49 -5.24
C GLY A 146 -6.19 -31.98 -3.83
N LYS A 147 -5.43 -32.47 -2.86
CA LYS A 147 -5.60 -32.04 -1.48
C LYS A 147 -5.09 -30.62 -1.31
N LYS A 148 -5.73 -29.86 -0.43
CA LYS A 148 -5.28 -28.50 -0.16
C LYS A 148 -3.90 -28.53 0.45
N ARG A 149 -3.06 -27.60 0.00
CA ARG A 149 -1.68 -27.55 0.46
C ARG A 149 -1.46 -26.59 1.62
N GLY A 150 -2.46 -25.81 2.00
CA GLY A 150 -2.31 -24.92 3.13
C GLY A 150 -1.80 -23.54 2.81
N PHE A 151 -1.86 -23.13 1.54
CA PHE A 151 -1.53 -21.75 1.18
C PHE A 151 -2.37 -21.31 -0.02
N ALA A 152 -2.36 -19.99 -0.24
CA ALA A 152 -3.20 -19.39 -1.26
C ALA A 152 -2.52 -18.14 -1.78
N PHE A 153 -2.99 -17.67 -2.92
CA PHE A 153 -2.59 -16.37 -3.43
C PHE A 153 -3.84 -15.53 -3.64
N VAL A 154 -3.74 -14.25 -3.31
CA VAL A 154 -4.83 -13.30 -3.52
C VAL A 154 -4.28 -12.16 -4.36
N THR A 155 -4.97 -11.85 -5.46
CA THR A 155 -4.61 -10.76 -6.35
C THR A 155 -5.65 -9.66 -6.24
N PHE A 156 -5.18 -8.43 -6.02
CA PHE A 156 -6.02 -7.26 -5.90
C PHE A 156 -5.92 -6.42 -7.16
N ASP A 157 -6.80 -5.43 -7.27
CA ASP A 157 -6.75 -4.54 -8.42
C ASP A 157 -5.70 -3.44 -8.29
N ASP A 158 -5.00 -3.35 -7.16
CA ASP A 158 -4.14 -2.21 -6.89
C ASP A 158 -3.16 -2.56 -5.78
N HIS A 159 -1.99 -1.95 -5.84
CA HIS A 159 -0.91 -2.31 -4.93
C HIS A 159 -1.11 -1.84 -3.50
N ASP A 160 -1.93 -0.79 -3.28
CA ASP A 160 -2.00 -0.27 -1.91
C ASP A 160 -2.59 -1.27 -0.94
N SER A 161 -3.53 -2.09 -1.41
N SER A 161 -3.53 -2.11 -1.41
CA SER A 161 -4.07 -3.18 -0.60
CA SER A 161 -4.06 -3.18 -0.58
C SER A 161 -2.94 -4.05 -0.05
C SER A 161 -2.94 -4.06 -0.04
N VAL A 162 -2.04 -4.48 -0.93
CA VAL A 162 -0.91 -5.31 -0.53
C VAL A 162 -0.02 -4.56 0.45
N ASP A 163 0.25 -3.28 0.19
CA ASP A 163 1.11 -2.51 1.09
C ASP A 163 0.52 -2.43 2.49
N LYS A 164 -0.80 -2.24 2.60
CA LYS A 164 -1.45 -2.22 3.90
C LYS A 164 -1.36 -3.58 4.58
N ILE A 165 -1.54 -4.65 3.80
CA ILE A 165 -1.57 -6.00 4.36
C ILE A 165 -0.22 -6.37 4.95
N VAL A 166 0.87 -6.15 4.20
CA VAL A 166 2.13 -6.74 4.61
C VAL A 166 2.80 -6.00 5.76
N ILE A 167 2.33 -4.80 6.11
CA ILE A 167 2.91 -4.11 7.25
C ILE A 167 2.21 -4.47 8.55
N GLN A 168 1.09 -5.19 8.50
CA GLN A 168 0.48 -5.67 9.73
C GLN A 168 1.32 -6.77 10.36
N LYS A 169 1.40 -6.75 11.69
CA LYS A 169 2.11 -7.79 12.41
C LYS A 169 1.41 -9.14 12.31
N TYR A 170 0.08 -9.16 12.25
CA TYR A 170 -0.71 -10.37 12.37
C TYR A 170 -1.82 -10.39 11.35
N HIS A 171 -2.14 -11.59 10.87
CA HIS A 171 -3.34 -11.82 10.06
C HIS A 171 -4.00 -13.08 10.55
N THR A 172 -5.26 -12.97 10.98
CA THR A 172 -6.04 -14.09 11.48
C THR A 172 -7.17 -14.37 10.51
N VAL A 173 -7.15 -15.56 9.91
CA VAL A 173 -8.15 -15.96 8.92
C VAL A 173 -8.57 -17.38 9.26
N ASN A 174 -9.87 -17.59 9.45
CA ASN A 174 -10.40 -18.91 9.77
C ASN A 174 -9.76 -19.45 11.04
N GLY A 175 -9.48 -18.55 11.97
CA GLY A 175 -8.83 -18.89 13.23
C GLY A 175 -7.35 -19.18 13.15
N HIS A 176 -6.76 -19.17 11.96
CA HIS A 176 -5.35 -19.48 11.78
C HIS A 176 -4.57 -18.18 11.79
N ASN A 177 -3.42 -18.19 12.47
CA ASN A 177 -2.43 -17.13 12.32
C ASN A 177 -1.65 -17.37 11.04
N CYS A 178 -1.85 -16.48 10.07
CA CYS A 178 -1.33 -16.65 8.72
C CYS A 178 -0.06 -15.85 8.51
N GLU A 179 0.77 -16.35 7.61
CA GLU A 179 1.96 -15.63 7.18
C GLU A 179 1.65 -15.07 5.80
N VAL A 180 1.80 -13.76 5.64
CA VAL A 180 1.42 -13.07 4.41
C VAL A 180 2.63 -12.32 3.89
N ARG A 181 2.93 -12.51 2.60
CA ARG A 181 4.06 -11.86 1.97
C ARG A 181 3.66 -11.35 0.59
N LYS A 182 4.40 -10.36 0.11
CA LYS A 182 4.28 -9.95 -1.28
C LYS A 182 4.69 -11.12 -2.17
N ALA A 183 3.93 -11.34 -3.25
CA ALA A 183 4.20 -12.40 -4.20
C ALA A 183 4.52 -11.80 -5.57
N LEU A 184 5.52 -12.38 -6.25
CA LEU A 184 5.89 -11.94 -7.59
C LEU A 184 5.49 -12.96 -8.64
#